data_7YY2
#
_entry.id   7YY2
#
_cell.length_a   76.285
_cell.length_b   125.970
_cell.length_c   119.550
_cell.angle_alpha   90.000
_cell.angle_beta   90.000
_cell.angle_gamma   90.000
#
_symmetry.space_group_name_H-M   'C 2 2 21'
#
loop_
_entity.id
_entity.type
_entity.pdbx_description
1 polymer 'Phosphopantetheine adenylyltransferase'
2 non-polymer '5-[3-(1~{H}-indol-3-yl)propoxy]-1-phenyl-pyrazole-4-carboxylic acid'
3 water water
#
_entity_poly.entity_id   1
_entity_poly.type   'polypeptide(L)'
_entity_poly.pdbx_seq_one_letter_code
;SMTGAVCPGSFDPVTLGHLDVFERAAAQFDEVIVAVLINPNKAGMFTVDERIEMIRESTADLPNLRVESGQGLLVDFVRE
RGLNAIVKGLRTGTDFEYELQMAQMNKHIAGVDTFFVATAPAYSFVSSSLAKEVATYGGDVSALLPASVHQRLLGKLRGQ
AQ
;
_entity_poly.pdbx_strand_id   A,B,C
#
# COMPACT_ATOMS: atom_id res chain seq x y z
N MET A 2 10.94 -35.70 12.09
CA MET A 2 10.41 -34.59 12.89
C MET A 2 10.24 -33.34 12.01
N THR A 3 9.08 -33.24 11.37
CA THR A 3 8.75 -32.09 10.53
C THR A 3 8.46 -30.85 11.39
N GLY A 4 8.64 -29.65 10.82
CA GLY A 4 8.42 -28.44 11.59
C GLY A 4 8.35 -27.16 10.78
N ALA A 5 7.64 -26.17 11.31
CA ALA A 5 7.52 -24.87 10.64
C ALA A 5 7.46 -23.74 11.66
N VAL A 6 7.94 -22.58 11.24
CA VAL A 6 7.85 -21.34 12.01
C VAL A 6 6.69 -20.49 11.49
N CYS A 7 5.84 -20.03 12.39
CA CYS A 7 4.73 -19.15 12.04
C CYS A 7 5.02 -17.75 12.56
N PRO A 8 5.43 -16.83 11.67
CA PRO A 8 5.94 -15.51 12.08
C PRO A 8 4.87 -14.42 12.08
N GLY A 9 5.09 -13.38 12.87
CA GLY A 9 4.22 -12.22 12.82
C GLY A 9 4.54 -11.26 13.93
N SER A 10 3.92 -10.08 13.90
CA SER A 10 4.09 -9.15 15.00
CA SER A 10 4.05 -9.12 14.99
C SER A 10 3.14 -9.49 16.14
N PHE A 11 1.97 -10.05 15.80
CA PHE A 11 0.94 -10.46 16.77
C PHE A 11 0.71 -9.39 17.85
N ASP A 12 0.30 -8.21 17.37
CA ASP A 12 0.17 -7.04 18.23
C ASP A 12 -1.24 -6.42 18.15
N PRO A 13 -2.27 -7.13 18.60
CA PRO A 13 -2.27 -8.45 19.24
C PRO A 13 -2.60 -9.60 18.28
N VAL A 14 -2.37 -10.82 18.74
CA VAL A 14 -2.85 -12.01 18.06
C VAL A 14 -4.36 -11.91 17.86
N THR A 15 -4.86 -12.38 16.71
CA THR A 15 -6.30 -12.38 16.45
C THR A 15 -6.83 -13.80 16.31
N LEU A 16 -8.15 -13.95 16.20
CA LEU A 16 -8.73 -15.26 15.96
C LEU A 16 -8.32 -15.83 14.60
N GLY A 17 -8.01 -14.95 13.65
CA GLY A 17 -7.52 -15.37 12.34
C GLY A 17 -6.15 -16.04 12.49
N HIS A 18 -5.29 -15.41 13.28
CA HIS A 18 -3.99 -15.99 13.56
C HIS A 18 -4.13 -17.34 14.25
N LEU A 19 -4.99 -17.40 15.25
CA LEU A 19 -5.11 -18.63 16.05
C LEU A 19 -5.62 -19.79 15.20
N ASP A 20 -6.54 -19.49 14.30
CA ASP A 20 -7.03 -20.49 13.38
C ASP A 20 -5.86 -21.08 12.56
N VAL A 21 -4.98 -20.22 12.07
CA VAL A 21 -3.82 -20.68 11.33
C VAL A 21 -2.86 -21.48 12.23
N PHE A 22 -2.63 -21.02 13.46
CA PHE A 22 -1.79 -21.78 14.41
C PHE A 22 -2.28 -23.22 14.52
N GLU A 23 -3.58 -23.38 14.73
CA GLU A 23 -4.21 -24.69 14.89
C GLU A 23 -4.04 -25.57 13.66
N ARG A 24 -4.25 -24.98 12.49
CA ARG A 24 -4.14 -25.72 11.24
C ARG A 24 -2.70 -26.11 10.95
N ALA A 25 -1.76 -25.23 11.30
CA ALA A 25 -0.35 -25.55 11.12
C ALA A 25 0.05 -26.66 12.07
N ALA A 26 -0.41 -26.58 13.32
CA ALA A 26 -0.04 -27.58 14.33
C ALA A 26 -0.62 -28.95 13.99
N ALA A 27 -1.74 -28.98 13.26
CA ALA A 27 -2.34 -30.25 12.85
C ALA A 27 -1.53 -30.96 11.76
N GLN A 28 -0.68 -30.22 11.06
CA GLN A 28 0.01 -30.76 9.88
C GLN A 28 1.53 -30.82 9.97
N PHE A 29 2.13 -30.18 10.97
CA PHE A 29 3.58 -30.25 11.18
C PHE A 29 3.86 -30.84 12.56
N ASP A 30 4.96 -31.59 12.71
CA ASP A 30 5.25 -32.21 14.01
C ASP A 30 5.46 -31.16 15.10
N GLU A 31 6.10 -30.05 14.75
CA GLU A 31 6.20 -28.94 15.70
C GLU A 31 6.00 -27.61 14.98
N VAL A 32 5.38 -26.68 15.70
CA VAL A 32 5.20 -25.33 15.21
C VAL A 32 5.77 -24.36 16.21
N ILE A 33 6.60 -23.45 15.73
CA ILE A 33 7.12 -22.35 16.55
C ILE A 33 6.50 -21.06 16.08
N VAL A 34 5.73 -20.42 16.95
CA VAL A 34 5.21 -19.10 16.68
C VAL A 34 6.31 -18.09 17.00
N ALA A 35 6.73 -17.34 15.98
CA ALA A 35 7.83 -16.39 16.13
C ALA A 35 7.27 -14.98 16.24
N VAL A 36 7.36 -14.39 17.43
CA VAL A 36 6.93 -13.03 17.65
C VAL A 36 8.07 -12.10 17.26
N LEU A 37 7.97 -11.50 16.06
CA LEU A 37 9.07 -10.70 15.56
C LEU A 37 8.91 -9.25 15.98
N ILE A 38 9.94 -8.75 16.65
CA ILE A 38 9.95 -7.45 17.30
C ILE A 38 10.82 -6.50 16.51
N ASN A 39 10.33 -5.29 16.31
CA ASN A 39 11.15 -4.21 15.78
C ASN A 39 11.73 -3.47 16.96
N PRO A 40 13.06 -3.56 17.15
CA PRO A 40 13.62 -2.91 18.33
C PRO A 40 13.61 -1.38 18.20
N ASN A 41 13.27 -0.90 17.01
CA ASN A 41 13.25 0.54 16.76
C ASN A 41 11.83 1.11 16.79
N LYS A 42 10.82 0.25 16.81
CA LYS A 42 9.46 0.74 17.01
C LYS A 42 8.66 -0.21 17.89
N ALA A 43 8.18 0.31 19.01
CA ALA A 43 7.35 -0.47 19.90
C ALA A 43 5.94 -0.52 19.34
N GLY A 44 5.23 -1.59 19.65
CA GLY A 44 3.84 -1.67 19.25
C GLY A 44 2.96 -1.27 20.42
N MET A 45 1.74 -1.79 20.44
CA MET A 45 0.85 -1.56 21.55
C MET A 45 1.22 -2.42 22.73
N PHE A 46 1.57 -3.67 22.46
CA PHE A 46 1.88 -4.65 23.49
C PHE A 46 3.37 -4.95 23.54
N THR A 47 3.87 -5.18 24.75
CA THR A 47 5.29 -5.56 24.91
C THR A 47 5.46 -6.99 24.42
N VAL A 48 6.70 -7.41 24.18
CA VAL A 48 6.95 -8.81 23.74
C VAL A 48 6.39 -9.81 24.75
N ASP A 49 6.54 -9.56 26.04
CA ASP A 49 6.05 -10.49 27.07
C ASP A 49 4.52 -10.55 26.98
N GLU A 50 3.89 -9.40 26.79
CA GLU A 50 2.44 -9.39 26.66
C GLU A 50 1.98 -10.17 25.42
N ARG A 51 2.63 -9.95 24.28
CA ARG A 51 2.22 -10.65 23.07
C ARG A 51 2.34 -12.16 23.22
N ILE A 52 3.44 -12.60 23.84
CA ILE A 52 3.68 -14.02 24.02
C ILE A 52 2.64 -14.64 24.96
N GLU A 53 2.36 -13.93 26.04
CA GLU A 53 1.40 -14.36 27.05
C GLU A 53 0.01 -14.54 26.43
N MET A 54 -0.41 -13.58 25.62
CA MET A 54 -1.71 -13.67 24.97
C MET A 54 -1.79 -14.85 24.01
N ILE A 55 -0.70 -15.13 23.29
CA ILE A 55 -0.67 -16.30 22.40
C ILE A 55 -0.68 -17.61 23.19
N ARG A 56 0.16 -17.72 24.22
CA ARG A 56 0.19 -18.93 25.03
C ARG A 56 -1.16 -19.26 25.65
N GLU A 57 -1.84 -18.25 26.18
CA GLU A 57 -3.11 -18.47 26.85
C GLU A 57 -4.18 -19.01 25.92
N SER A 58 -4.07 -18.69 24.63
CA SER A 58 -5.08 -19.15 23.70
C SER A 58 -4.65 -20.37 22.87
N THR A 59 -3.45 -20.90 23.14
CA THR A 59 -2.96 -22.08 22.42
C THR A 59 -2.60 -23.22 23.37
N ALA A 60 -3.16 -23.19 24.57
CA ALA A 60 -2.78 -24.15 25.61
C ALA A 60 -3.09 -25.60 25.23
N ASP A 61 -4.07 -25.78 24.34
CA ASP A 61 -4.45 -27.13 23.91
C ASP A 61 -3.77 -27.55 22.62
N LEU A 62 -2.69 -26.86 22.26
CA LEU A 62 -1.85 -27.28 21.13
C LEU A 62 -0.49 -27.72 21.66
N PRO A 63 -0.36 -29.03 21.97
CA PRO A 63 0.83 -29.53 22.65
C PRO A 63 2.12 -29.39 21.84
N ASN A 64 2.03 -29.30 20.52
CA ASN A 64 3.24 -29.26 19.70
C ASN A 64 3.59 -27.86 19.22
N LEU A 65 2.98 -26.87 19.85
CA LEU A 65 3.23 -25.47 19.52
C LEU A 65 3.96 -24.78 20.66
N ARG A 66 4.99 -24.01 20.34
CA ARG A 66 5.61 -23.15 21.33
C ARG A 66 5.82 -21.77 20.76
N VAL A 67 6.10 -20.81 21.65
CA VAL A 67 6.17 -19.41 21.28
C VAL A 67 7.51 -18.81 21.66
N GLU A 68 8.19 -18.18 20.71
CA GLU A 68 9.48 -17.52 20.96
C GLU A 68 9.55 -16.18 20.24
N SER A 69 10.23 -15.20 20.81
CA SER A 69 10.39 -13.94 20.10
C SER A 69 11.71 -13.91 19.35
N GLY A 70 11.81 -12.98 18.41
CA GLY A 70 13.02 -12.79 17.63
C GLY A 70 13.05 -11.45 16.93
N GLN A 71 14.16 -11.18 16.24
CA GLN A 71 14.27 -9.98 15.43
C GLN A 71 15.28 -10.27 14.32
N GLY A 72 15.39 -9.35 13.36
CA GLY A 72 16.35 -9.54 12.28
C GLY A 72 15.74 -10.41 11.21
N LEU A 73 16.57 -11.10 10.44
CA LEU A 73 16.09 -11.94 9.34
C LEU A 73 15.38 -13.18 9.83
N LEU A 74 14.15 -13.35 9.38
CA LEU A 74 13.36 -14.51 9.74
C LEU A 74 14.06 -15.82 9.34
N VAL A 75 14.70 -15.85 8.17
CA VAL A 75 15.29 -17.10 7.73
C VAL A 75 16.43 -17.56 8.69
N ASP A 76 17.06 -16.61 9.40
CA ASP A 76 18.07 -16.98 10.40
C ASP A 76 17.40 -17.64 11.63
N PHE A 77 16.27 -17.07 12.06
CA PHE A 77 15.49 -17.64 13.15
C PHE A 77 15.10 -19.08 12.81
N VAL A 78 14.66 -19.29 11.58
CA VAL A 78 14.22 -20.60 11.13
C VAL A 78 15.39 -21.60 11.13
N ARG A 79 16.48 -21.23 10.46
CA ARG A 79 17.63 -22.14 10.30
C ARG A 79 18.33 -22.40 11.64
N GLU A 80 18.34 -21.42 12.54
CA GLU A 80 19.03 -21.65 13.83
C GLU A 80 18.28 -22.71 14.64
N ARG A 81 17.05 -23.03 14.28
CA ARG A 81 16.28 -24.08 14.99
C ARG A 81 16.28 -25.38 14.16
N GLY A 82 17.07 -25.41 13.11
CA GLY A 82 17.21 -26.61 12.31
C GLY A 82 16.00 -26.89 11.45
N LEU A 83 15.21 -25.85 11.21
CA LEU A 83 14.03 -25.98 10.35
C LEU A 83 14.29 -25.28 9.02
N ASN A 84 13.41 -25.48 8.04
CA ASN A 84 13.53 -24.65 6.84
C ASN A 84 12.17 -24.43 6.18
N ALA A 85 11.15 -24.27 7.02
CA ALA A 85 9.81 -23.93 6.55
C ALA A 85 9.17 -22.85 7.42
N ILE A 86 8.50 -21.93 6.72
CA ILE A 86 7.68 -20.87 7.29
C ILE A 86 6.24 -21.23 6.95
N VAL A 87 5.30 -20.95 7.85
CA VAL A 87 3.89 -21.17 7.54
C VAL A 87 3.09 -19.95 7.98
N LYS A 88 2.17 -19.50 7.13
CA LYS A 88 1.30 -18.39 7.51
C LYS A 88 0.03 -18.40 6.68
N GLY A 89 -0.88 -17.50 7.04
CA GLY A 89 -2.15 -17.41 6.34
C GLY A 89 -2.15 -16.31 5.31
N LEU A 90 -3.10 -16.37 4.39
CA LEU A 90 -3.34 -15.31 3.41
C LEU A 90 -4.81 -14.98 3.38
N ARG A 91 -5.13 -13.69 3.37
CA ARG A 91 -6.56 -13.31 3.33
C ARG A 91 -6.91 -12.74 1.96
N THR A 92 -6.03 -11.89 1.45
CA THR A 92 -6.41 -11.13 0.24
C THR A 92 -5.40 -11.28 -0.89
N GLY A 93 -5.74 -10.69 -2.02
CA GLY A 93 -4.83 -10.66 -3.17
C GLY A 93 -3.58 -9.88 -2.86
N THR A 94 -3.70 -8.81 -2.07
CA THR A 94 -2.52 -8.03 -1.64
C THR A 94 -1.62 -8.91 -0.77
N ASP A 95 -2.22 -9.65 0.16
CA ASP A 95 -1.41 -10.56 1.01
C ASP A 95 -0.61 -11.49 0.09
N PHE A 96 -1.28 -12.08 -0.88
CA PHE A 96 -0.61 -13.03 -1.76
C PHE A 96 0.54 -12.38 -2.54
N GLU A 97 0.30 -11.20 -3.10
CA GLU A 97 1.37 -10.53 -3.84
C GLU A 97 2.57 -10.23 -2.97
N TYR A 98 2.30 -9.65 -1.81
CA TYR A 98 3.37 -9.27 -0.88
C TYR A 98 4.10 -10.50 -0.36
N GLU A 99 3.36 -11.50 0.09
CA GLU A 99 3.99 -12.70 0.71
C GLU A 99 4.69 -13.55 -0.34
N LEU A 100 4.23 -13.50 -1.58
CA LEU A 100 4.94 -14.28 -2.61
C LEU A 100 6.33 -13.67 -2.82
N GLN A 101 6.40 -12.34 -2.82
CA GLN A 101 7.70 -11.68 -3.00
C GLN A 101 8.62 -12.07 -1.83
N MET A 102 8.10 -11.97 -0.62
CA MET A 102 8.94 -12.31 0.54
C MET A 102 9.36 -13.77 0.55
N ALA A 103 8.45 -14.66 0.14
CA ALA A 103 8.76 -16.08 0.12
C ALA A 103 9.85 -16.37 -0.91
N GLN A 104 9.74 -15.74 -2.09
CA GLN A 104 10.72 -15.99 -3.14
C GLN A 104 12.08 -15.43 -2.74
N MET A 105 12.07 -14.27 -2.08
CA MET A 105 13.33 -13.70 -1.58
C MET A 105 13.93 -14.59 -0.50
N ASN A 106 13.11 -15.07 0.43
CA ASN A 106 13.62 -15.94 1.50
C ASN A 106 14.17 -17.26 0.99
N LYS A 107 13.54 -17.84 -0.03
CA LYS A 107 14.07 -19.09 -0.56
C LYS A 107 15.35 -18.81 -1.35
N HIS A 108 15.38 -17.68 -2.04
CA HIS A 108 16.59 -17.30 -2.79
C HIS A 108 17.82 -17.13 -1.88
N ILE A 109 17.67 -16.39 -0.79
CA ILE A 109 18.83 -16.10 0.05
C ILE A 109 19.20 -17.23 1.01
N ALA A 110 18.25 -18.11 1.36
CA ALA A 110 18.51 -19.08 2.43
C ALA A 110 17.98 -20.50 2.21
N GLY A 111 17.23 -20.71 1.12
CA GLY A 111 16.64 -22.01 0.84
C GLY A 111 15.46 -22.37 1.72
N VAL A 112 15.02 -21.41 2.52
CA VAL A 112 13.88 -21.63 3.40
C VAL A 112 12.59 -21.51 2.61
N ASP A 113 11.69 -22.47 2.76
CA ASP A 113 10.44 -22.46 2.00
C ASP A 113 9.31 -21.86 2.81
N THR A 114 8.21 -21.49 2.13
CA THR A 114 7.07 -20.91 2.81
C THR A 114 5.80 -21.62 2.35
N PHE A 115 4.99 -22.02 3.32
CA PHE A 115 3.69 -22.63 3.06
C PHE A 115 2.58 -21.70 3.52
N PHE A 116 1.59 -21.53 2.65
CA PHE A 116 0.47 -20.64 2.99
C PHE A 116 -0.84 -21.39 3.09
N VAL A 117 -1.72 -20.92 3.96
CA VAL A 117 -3.11 -21.46 4.03
C VAL A 117 -4.07 -20.30 3.83
N ALA A 118 -5.23 -20.62 3.32
CA ALA A 118 -6.24 -19.58 3.12
C ALA A 118 -6.96 -19.24 4.43
N THR A 119 -7.18 -17.96 4.65
CA THR A 119 -7.90 -17.52 5.85
C THR A 119 -9.24 -18.25 5.98
N ALA A 120 -9.63 -18.45 7.22
CA ALA A 120 -11.01 -18.87 7.49
C ALA A 120 -11.89 -17.72 6.97
N PRO A 121 -12.97 -18.04 6.25
CA PRO A 121 -13.80 -16.96 5.70
C PRO A 121 -14.30 -15.95 6.74
N ALA A 122 -14.63 -16.40 7.96
CA ALA A 122 -15.16 -15.51 8.98
C ALA A 122 -14.21 -14.39 9.41
N TYR A 123 -12.91 -14.60 9.22
CA TYR A 123 -11.94 -13.64 9.72
C TYR A 123 -11.18 -12.93 8.61
N SER A 124 -11.67 -13.03 7.38
CA SER A 124 -10.88 -12.53 6.26
C SER A 124 -10.61 -11.02 6.31
N PHE A 125 -11.50 -10.27 6.95
CA PHE A 125 -11.38 -8.82 7.05
C PHE A 125 -10.62 -8.35 8.28
N VAL A 126 -10.12 -9.30 9.08
CA VAL A 126 -9.49 -8.96 10.36
C VAL A 126 -8.04 -8.60 10.18
N SER A 127 -7.64 -7.48 10.79
CA SER A 127 -6.22 -7.21 10.98
C SER A 127 -6.03 -6.64 12.38
N SER A 128 -4.83 -6.79 12.91
CA SER A 128 -4.53 -6.25 14.22
C SER A 128 -4.67 -4.73 14.22
N SER A 129 -4.17 -4.08 13.18
CA SER A 129 -4.23 -2.62 13.11
CA SER A 129 -4.23 -2.62 13.11
C SER A 129 -5.67 -2.12 13.05
N LEU A 130 -6.50 -2.76 12.23
CA LEU A 130 -7.88 -2.30 12.10
C LEU A 130 -8.64 -2.56 13.39
N ALA A 131 -8.39 -3.72 14.03
CA ALA A 131 -9.04 -4.02 15.30
C ALA A 131 -8.66 -2.98 16.36
N LYS A 132 -7.38 -2.63 16.43
CA LYS A 132 -6.92 -1.63 17.38
C LYS A 132 -7.54 -0.26 17.07
N GLU A 133 -7.59 0.09 15.79
CA GLU A 133 -8.16 1.38 15.39
C GLU A 133 -9.64 1.48 15.72
N VAL A 134 -10.39 0.44 15.38
CA VAL A 134 -11.82 0.41 15.68
C VAL A 134 -12.06 0.49 17.20
N ALA A 135 -11.30 -0.29 17.96
CA ALA A 135 -11.47 -0.33 19.41
C ALA A 135 -11.12 1.02 20.04
N THR A 136 -10.19 1.74 19.42
CA THR A 136 -9.74 3.04 19.93
C THR A 136 -10.92 4.02 19.95
N TYR A 137 -11.83 3.87 18.99
CA TYR A 137 -12.98 4.75 18.88
C TYR A 137 -14.25 4.10 19.36
N GLY A 138 -14.12 3.04 20.14
CA GLY A 138 -15.25 2.45 20.84
C GLY A 138 -15.98 1.30 20.16
N GLY A 139 -15.48 0.87 19.00
CA GLY A 139 -16.12 -0.22 18.28
C GLY A 139 -15.91 -1.58 18.90
N ASP A 140 -16.90 -2.47 18.76
CA ASP A 140 -16.86 -3.78 19.40
C ASP A 140 -16.14 -4.83 18.56
N VAL A 141 -14.92 -5.17 18.97
CA VAL A 141 -14.11 -6.15 18.24
C VAL A 141 -13.97 -7.46 19.02
N SER A 142 -14.82 -7.64 20.02
CA SER A 142 -14.76 -8.81 20.91
C SER A 142 -14.92 -10.15 20.19
N ALA A 143 -15.55 -10.16 19.02
CA ALA A 143 -15.77 -11.41 18.30
C ALA A 143 -14.61 -11.74 17.36
N LEU A 144 -13.60 -10.88 17.35
CA LEU A 144 -12.50 -11.03 16.39
C LEU A 144 -11.21 -11.43 17.07
N LEU A 145 -11.24 -11.36 18.39
CA LEU A 145 -10.03 -11.57 19.20
C LEU A 145 -10.32 -12.60 20.26
N PRO A 146 -9.29 -13.38 20.64
CA PRO A 146 -9.48 -14.36 21.72
C PRO A 146 -9.72 -13.68 23.07
N ALA A 147 -10.29 -14.42 24.01
CA ALA A 147 -10.52 -13.90 25.35
C ALA A 147 -9.23 -13.35 25.97
N SER A 148 -8.10 -13.97 25.63
CA SER A 148 -6.82 -13.59 26.23
C SER A 148 -6.38 -12.19 25.82
N VAL A 149 -7.06 -11.64 24.82
CA VAL A 149 -6.67 -10.36 24.23
C VAL A 149 -7.60 -9.20 24.56
N HIS A 150 -8.90 -9.44 24.44
CA HIS A 150 -9.89 -8.36 24.34
C HIS A 150 -9.82 -7.32 25.46
N GLN A 151 -9.83 -7.80 26.68
CA GLN A 151 -9.79 -6.87 27.83
C GLN A 151 -8.39 -6.28 28.02
N ARG A 152 -7.32 -7.01 27.71
CA ARG A 152 -6.01 -6.34 27.83
C ARG A 152 -5.97 -5.21 26.81
N LEU A 153 -6.58 -5.42 25.65
CA LEU A 153 -6.59 -4.37 24.64
C LEU A 153 -7.38 -3.16 25.14
N LEU A 154 -8.54 -3.41 25.74
CA LEU A 154 -9.32 -2.30 26.28
C LEU A 154 -8.52 -1.57 27.35
N GLY A 155 -7.80 -2.33 28.17
CA GLY A 155 -6.93 -1.76 29.18
C GLY A 155 -5.87 -0.81 28.64
N LYS A 156 -5.21 -1.20 27.55
CA LYS A 156 -4.21 -0.34 26.92
C LYS A 156 -4.83 0.96 26.44
N LEU A 157 -6.04 0.88 25.89
CA LEU A 157 -6.68 2.06 25.32
C LEU A 157 -7.13 3.03 26.40
N ARG A 158 -7.53 2.52 27.56
CA ARG A 158 -7.92 3.38 28.68
C ARG A 158 -6.71 4.14 29.22
N MET B 2 -38.23 6.15 4.80
CA MET B 2 -37.21 7.03 4.26
C MET B 2 -35.86 6.32 4.08
N THR B 3 -35.35 6.33 2.86
CA THR B 3 -34.05 5.73 2.57
C THR B 3 -32.96 6.80 2.67
N GLY B 4 -31.73 6.40 2.95
CA GLY B 4 -30.65 7.37 3.00
C GLY B 4 -29.29 6.74 3.22
N ALA B 5 -28.24 7.50 2.90
CA ALA B 5 -26.87 7.02 3.08
C ALA B 5 -25.91 8.15 3.37
N VAL B 6 -24.83 7.82 4.08
CA VAL B 6 -23.74 8.75 4.34
C VAL B 6 -22.61 8.50 3.34
N CYS B 7 -22.11 9.56 2.74
CA CYS B 7 -21.02 9.46 1.77
C CYS B 7 -19.78 10.11 2.35
N PRO B 8 -18.85 9.29 2.88
CA PRO B 8 -17.72 9.79 3.68
C PRO B 8 -16.46 10.03 2.86
N GLY B 9 -15.60 10.94 3.32
CA GLY B 9 -14.34 11.14 2.65
C GLY B 9 -13.60 12.33 3.21
N SER B 10 -12.36 12.53 2.74
CA SER B 10 -11.63 13.71 3.15
C SER B 10 -11.90 14.89 2.21
N PHE B 11 -12.12 14.61 0.93
CA PHE B 11 -12.49 15.62 -0.09
C PHE B 11 -11.59 16.85 -0.04
N ASP B 12 -10.28 16.61 -0.21
CA ASP B 12 -9.27 17.64 -0.04
C ASP B 12 -8.43 17.83 -1.31
N PRO B 13 -9.03 18.37 -2.38
CA PRO B 13 -10.41 18.83 -2.51
C PRO B 13 -11.33 17.80 -3.16
N VAL B 14 -12.62 18.10 -3.15
CA VAL B 14 -13.59 17.33 -3.90
C VAL B 14 -13.21 17.35 -5.37
N THR B 15 -13.38 16.22 -6.05
CA THR B 15 -13.10 16.12 -7.48
C THR B 15 -14.38 15.86 -8.29
N LEU B 16 -14.28 15.93 -9.62
CA LEU B 16 -15.43 15.57 -10.45
C LEU B 16 -15.82 14.10 -10.27
N GLY B 17 -14.87 13.26 -9.90
CA GLY B 17 -15.17 11.89 -9.57
C GLY B 17 -16.10 11.76 -8.38
N HIS B 18 -15.76 12.47 -7.30
CA HIS B 18 -16.61 12.52 -6.12
C HIS B 18 -17.99 13.05 -6.48
N LEU B 19 -18.01 14.15 -7.23
CA LEU B 19 -19.25 14.85 -7.56
C LEU B 19 -20.19 13.93 -8.33
N ASP B 20 -19.63 13.15 -9.25
CA ASP B 20 -20.42 12.20 -10.02
C ASP B 20 -21.09 11.19 -9.09
N VAL B 21 -20.33 10.69 -8.12
CA VAL B 21 -20.89 9.77 -7.14
C VAL B 21 -21.95 10.44 -6.25
N PHE B 22 -21.70 11.67 -5.79
CA PHE B 22 -22.72 12.43 -5.05
C PHE B 22 -24.07 12.47 -5.81
N GLU B 23 -23.99 12.80 -7.08
CA GLU B 23 -25.20 12.96 -7.91
C GLU B 23 -25.92 11.63 -8.06
N ARG B 24 -25.13 10.57 -8.26
CA ARG B 24 -25.72 9.25 -8.48
C ARG B 24 -26.33 8.69 -7.20
N ALA B 25 -25.70 8.97 -6.05
CA ALA B 25 -26.30 8.58 -4.77
C ALA B 25 -27.59 9.34 -4.51
N ALA B 26 -27.55 10.65 -4.76
CA ALA B 26 -28.71 11.49 -4.47
C ALA B 26 -29.88 11.16 -5.39
N ALA B 27 -29.56 10.55 -6.53
CA ALA B 27 -30.61 10.13 -7.46
C ALA B 27 -31.36 8.92 -6.96
N GLN B 28 -30.75 8.15 -6.05
CA GLN B 28 -31.33 6.88 -5.65
C GLN B 28 -31.77 6.77 -4.20
N PHE B 29 -31.21 7.60 -3.33
CA PHE B 29 -31.57 7.58 -1.90
C PHE B 29 -32.40 8.82 -1.57
N ASP B 30 -33.33 8.74 -0.63
CA ASP B 30 -34.14 9.91 -0.29
C ASP B 30 -33.29 11.02 0.31
N GLU B 31 -32.25 10.65 1.06
CA GLU B 31 -31.32 11.67 1.53
C GLU B 31 -29.89 11.16 1.50
N VAL B 32 -28.98 12.07 1.24
CA VAL B 32 -27.57 11.76 1.28
C VAL B 32 -26.89 12.78 2.17
N ILE B 33 -26.03 12.30 3.06
CA ILE B 33 -25.22 13.19 3.87
C ILE B 33 -23.77 13.00 3.48
N VAL B 34 -23.14 14.03 2.95
CA VAL B 34 -21.71 13.98 2.68
C VAL B 34 -21.01 14.29 3.98
N ALA B 35 -20.17 13.37 4.46
CA ALA B 35 -19.45 13.55 5.71
C ALA B 35 -17.97 13.84 5.46
N VAL B 36 -17.55 15.06 5.80
CA VAL B 36 -16.17 15.48 5.61
C VAL B 36 -15.37 15.17 6.85
N LEU B 37 -14.42 14.26 6.72
CA LEU B 37 -13.69 13.80 7.92
C LEU B 37 -12.65 14.82 8.40
N ILE B 38 -12.69 15.14 9.70
CA ILE B 38 -11.67 16.04 10.32
C ILE B 38 -10.56 15.09 10.81
N ASN B 39 -9.31 15.30 10.39
CA ASN B 39 -8.26 14.30 10.73
C ASN B 39 -7.25 14.78 11.78
N PRO B 40 -5.95 14.46 11.64
CA PRO B 40 -4.93 14.83 12.63
C PRO B 40 -4.51 16.29 12.51
N ALA B 43 -4.41 18.56 8.42
CA ALA B 43 -3.26 17.85 7.86
C ALA B 43 -3.17 18.06 6.36
N GLY B 44 -4.23 18.60 5.76
CA GLY B 44 -4.29 18.74 4.32
C GLY B 44 -4.12 20.15 3.83
N MET B 45 -4.63 20.39 2.63
CA MET B 45 -4.50 21.67 1.96
C MET B 45 -5.62 22.63 2.34
N PHE B 46 -6.84 22.10 2.34
CA PHE B 46 -8.01 22.90 2.67
C PHE B 46 -8.53 22.59 4.07
N THR B 47 -9.00 23.63 4.76
CA THR B 47 -9.66 23.44 6.04
C THR B 47 -10.99 22.72 5.81
N VAL B 48 -11.53 22.15 6.89
CA VAL B 48 -12.78 21.42 6.78
C VAL B 48 -13.89 22.37 6.31
N ASP B 49 -13.86 23.61 6.77
CA ASP B 49 -14.89 24.55 6.35
C ASP B 49 -14.75 24.89 4.88
N GLU B 50 -13.51 25.00 4.42
CA GLU B 50 -13.26 25.24 3.00
C GLU B 50 -13.77 24.06 2.17
N ARG B 51 -13.51 22.84 2.66
CA ARG B 51 -13.92 21.64 1.94
C ARG B 51 -15.43 21.55 1.86
N ILE B 52 -16.09 21.89 2.98
CA ILE B 52 -17.55 21.87 3.03
C ILE B 52 -18.12 22.89 2.05
N GLU B 53 -17.54 24.09 2.00
CA GLU B 53 -18.07 25.10 1.10
C GLU B 53 -17.87 24.71 -0.37
N MET B 54 -16.74 24.10 -0.68
CA MET B 54 -16.51 23.68 -2.06
C MET B 54 -17.50 22.61 -2.49
N ILE B 55 -17.83 21.69 -1.59
CA ILE B 55 -18.80 20.65 -1.90
C ILE B 55 -20.20 21.27 -2.07
N ARG B 56 -20.55 22.19 -1.17
CA ARG B 56 -21.87 22.81 -1.24
C ARG B 56 -22.07 23.58 -2.54
N GLU B 57 -21.03 24.28 -2.97
CA GLU B 57 -21.07 24.99 -4.25
C GLU B 57 -21.29 24.01 -5.41
N SER B 58 -20.59 22.89 -5.37
CA SER B 58 -20.65 21.93 -6.46
C SER B 58 -21.93 21.08 -6.45
N THR B 59 -22.59 21.01 -5.29
CA THR B 59 -23.81 20.21 -5.17
C THR B 59 -25.08 21.05 -4.99
N ALA B 60 -25.03 22.31 -5.41
CA ALA B 60 -26.16 23.26 -5.23
C ALA B 60 -27.45 22.72 -5.85
N ASP B 61 -27.36 21.87 -6.84
CA ASP B 61 -28.58 21.38 -7.52
C ASP B 61 -29.05 20.04 -6.96
N LEU B 62 -28.51 19.61 -5.83
CA LEU B 62 -28.94 18.34 -5.21
C LEU B 62 -29.66 18.69 -3.90
N PRO B 63 -30.96 18.92 -3.92
CA PRO B 63 -31.67 19.38 -2.71
C PRO B 63 -31.73 18.36 -1.58
N ASN B 64 -31.58 17.06 -1.91
CA ASN B 64 -31.65 16.03 -0.88
C ASN B 64 -30.29 15.57 -0.38
N LEU B 65 -29.26 16.32 -0.74
CA LEU B 65 -27.91 16.08 -0.24
C LEU B 65 -27.48 17.22 0.66
N ARG B 66 -26.95 16.90 1.84
CA ARG B 66 -26.38 17.94 2.69
C ARG B 66 -24.98 17.54 3.10
N VAL B 67 -24.24 18.52 3.57
CA VAL B 67 -22.82 18.34 3.85
C VAL B 67 -22.54 18.68 5.32
N GLU B 68 -21.88 17.75 6.03
CA GLU B 68 -21.51 17.97 7.42
C GLU B 68 -20.07 17.49 7.67
N SER B 69 -19.46 17.95 8.75
CA SER B 69 -18.17 17.39 9.13
C SER B 69 -18.38 16.32 10.18
N GLY B 70 -17.42 15.42 10.31
CA GLY B 70 -17.52 14.40 11.33
C GLY B 70 -16.14 13.94 11.76
N GLN B 71 -16.10 13.22 12.87
CA GLN B 71 -14.86 12.63 13.34
C GLN B 71 -15.16 11.36 14.11
N GLY B 72 -14.12 10.56 14.33
CA GLY B 72 -14.28 9.35 15.10
C GLY B 72 -14.82 8.23 14.23
N LEU B 73 -15.53 7.31 14.87
CA LEU B 73 -16.01 6.11 14.21
C LEU B 73 -17.13 6.45 13.23
N LEU B 74 -16.94 6.11 11.95
CA LEU B 74 -17.95 6.48 10.96
C LEU B 74 -19.30 5.83 11.26
N VAL B 75 -19.31 4.58 11.73
CA VAL B 75 -20.60 3.93 11.96
C VAL B 75 -21.38 4.63 13.07
N ASP B 76 -20.68 5.31 13.97
CA ASP B 76 -21.33 6.15 14.97
C ASP B 76 -22.00 7.37 14.33
N PHE B 77 -21.25 8.05 13.47
CA PHE B 77 -21.78 9.18 12.71
C PHE B 77 -23.06 8.80 11.96
N VAL B 78 -23.02 7.66 11.27
CA VAL B 78 -24.15 7.19 10.50
C VAL B 78 -25.36 6.89 11.39
N ARG B 79 -25.16 6.12 12.45
CA ARG B 79 -26.29 5.73 13.29
C ARG B 79 -26.87 6.91 14.07
N GLU B 80 -26.01 7.87 14.44
CA GLU B 80 -26.47 9.04 15.20
C GLU B 80 -27.41 9.90 14.37
N ARG B 81 -27.43 9.67 13.06
CA ARG B 81 -28.28 10.44 12.17
C ARG B 81 -29.45 9.62 11.64
N GLY B 82 -29.69 8.48 12.29
CA GLY B 82 -30.84 7.66 11.98
C GLY B 82 -30.71 6.90 10.69
N LEU B 83 -29.48 6.76 10.20
CA LEU B 83 -29.22 6.02 8.97
C LEU B 83 -28.46 4.73 9.28
N ASN B 84 -28.34 3.84 8.31
CA ASN B 84 -27.43 2.72 8.52
C ASN B 84 -26.91 2.19 7.18
N ALA B 85 -26.60 3.15 6.32
CA ALA B 85 -25.93 2.86 5.06
C ALA B 85 -24.87 3.91 4.77
N ILE B 86 -23.74 3.42 4.26
CA ILE B 86 -22.66 4.21 3.71
C ILE B 86 -22.68 4.05 2.18
N VAL B 87 -22.34 5.09 1.43
CA VAL B 87 -22.22 4.98 -0.03
C VAL B 87 -20.93 5.66 -0.51
N LYS B 88 -20.21 5.03 -1.42
CA LYS B 88 -19.02 5.65 -1.99
C LYS B 88 -18.68 5.01 -3.33
N GLY B 89 -17.72 5.60 -4.03
CA GLY B 89 -17.32 5.06 -5.32
C GLY B 89 -16.10 4.16 -5.21
N LEU B 90 -15.90 3.36 -6.24
CA LEU B 90 -14.71 2.50 -6.36
C LEU B 90 -14.10 2.74 -7.73
N ARG B 91 -12.78 2.95 -7.79
CA ARG B 91 -12.09 3.17 -9.05
C ARG B 91 -11.41 1.88 -9.50
N THR B 92 -10.70 1.26 -8.57
CA THR B 92 -9.73 0.21 -8.89
C THR B 92 -9.88 -1.02 -8.00
N GLY B 93 -9.14 -2.07 -8.35
CA GLY B 93 -9.11 -3.29 -7.57
C GLY B 93 -8.62 -3.06 -6.15
N THR B 94 -7.66 -2.15 -5.98
CA THR B 94 -7.18 -1.83 -4.64
C THR B 94 -8.24 -1.09 -3.83
N ASP B 95 -8.99 -0.21 -4.48
CA ASP B 95 -10.14 0.41 -3.84
C ASP B 95 -11.06 -0.69 -3.33
N PHE B 96 -11.40 -1.61 -4.22
CA PHE B 96 -12.33 -2.67 -3.86
C PHE B 96 -11.80 -3.49 -2.69
N GLU B 97 -10.55 -3.94 -2.76
CA GLU B 97 -10.00 -4.80 -1.70
C GLU B 97 -10.02 -4.09 -0.35
N TYR B 98 -9.58 -2.84 -0.36
CA TYR B 98 -9.49 -2.05 0.86
C TYR B 98 -10.88 -1.76 1.40
N GLU B 99 -11.78 -1.32 0.52
CA GLU B 99 -13.10 -0.94 0.98
C GLU B 99 -13.96 -2.14 1.35
N LEU B 100 -13.70 -3.30 0.72
CA LEU B 100 -14.42 -4.50 1.13
C LEU B 100 -14.09 -4.83 2.60
N GLN B 101 -12.81 -4.78 2.95
CA GLN B 101 -12.41 -5.00 4.36
C GLN B 101 -13.14 -4.06 5.32
N MET B 102 -13.12 -2.78 4.99
CA MET B 102 -13.73 -1.77 5.85
C MET B 102 -15.23 -1.98 5.96
N ALA B 103 -15.85 -2.34 4.84
CA ALA B 103 -17.30 -2.54 4.82
C ALA B 103 -17.71 -3.73 5.68
N GLN B 104 -16.97 -4.83 5.55
CA GLN B 104 -17.25 -6.00 6.35
C GLN B 104 -17.01 -5.72 7.84
N MET B 105 -15.98 -4.94 8.15
CA MET B 105 -15.74 -4.56 9.53
C MET B 105 -16.88 -3.67 10.04
N ASN B 106 -17.29 -2.70 9.23
CA ASN B 106 -18.35 -1.79 9.66
C ASN B 106 -19.68 -2.51 9.84
N LYS B 107 -19.98 -3.49 9.00
CA LYS B 107 -21.21 -4.23 9.19
C LYS B 107 -21.10 -5.15 10.41
N HIS B 108 -19.92 -5.72 10.63
CA HIS B 108 -19.73 -6.59 11.78
C HIS B 108 -19.94 -5.84 13.09
N ILE B 109 -19.35 -4.66 13.20
CA ILE B 109 -19.32 -3.98 14.50
C ILE B 109 -20.60 -3.20 14.78
N ALA B 110 -21.35 -2.83 13.73
CA ALA B 110 -22.47 -1.93 13.95
C ALA B 110 -23.71 -2.21 13.11
N GLY B 111 -23.64 -3.17 12.21
CA GLY B 111 -24.79 -3.49 11.38
C GLY B 111 -25.05 -2.49 10.26
N VAL B 112 -24.13 -1.55 10.09
CA VAL B 112 -24.21 -0.53 9.04
C VAL B 112 -23.71 -1.13 7.73
N ASP B 113 -24.48 -0.97 6.67
CA ASP B 113 -24.12 -1.54 5.38
C ASP B 113 -23.42 -0.50 4.49
N THR B 114 -22.79 -0.97 3.43
CA THR B 114 -22.07 -0.10 2.50
C THR B 114 -22.42 -0.43 1.07
N PHE B 115 -22.79 0.59 0.32
CA PHE B 115 -23.08 0.44 -1.10
C PHE B 115 -22.03 1.16 -1.92
N PHE B 116 -21.57 0.49 -2.96
CA PHE B 116 -20.54 1.03 -3.84
C PHE B 116 -21.08 1.29 -5.24
N VAL B 117 -20.56 2.32 -5.89
CA VAL B 117 -20.79 2.49 -7.31
C VAL B 117 -19.46 2.54 -8.04
N ALA B 118 -19.50 2.09 -9.29
CA ALA B 118 -18.28 2.13 -10.10
C ALA B 118 -18.03 3.57 -10.53
N THR B 119 -16.77 3.93 -10.56
CA THR B 119 -16.34 5.26 -11.03
C THR B 119 -16.80 5.53 -12.47
N ALA B 120 -17.00 6.81 -12.79
CA ALA B 120 -17.21 7.15 -14.20
C ALA B 120 -15.87 6.86 -14.88
N PRO B 121 -15.86 6.24 -16.08
CA PRO B 121 -14.57 5.89 -16.70
C PRO B 121 -13.62 7.08 -16.87
N ALA B 122 -14.17 8.28 -17.12
CA ALA B 122 -13.33 9.43 -17.41
C ALA B 122 -12.50 9.87 -16.21
N TYR B 123 -12.92 9.49 -15.00
CA TYR B 123 -12.24 9.98 -13.79
C TYR B 123 -11.58 8.86 -12.99
N SER B 124 -11.42 7.70 -13.60
CA SER B 124 -10.93 6.53 -12.86
C SER B 124 -9.54 6.71 -12.26
N PHE B 125 -8.72 7.52 -12.93
CA PHE B 125 -7.33 7.73 -12.50
C PHE B 125 -7.19 8.92 -11.53
N VAL B 126 -8.29 9.60 -11.24
CA VAL B 126 -8.22 10.80 -10.42
C VAL B 126 -8.13 10.51 -8.92
N SER B 127 -7.21 11.21 -8.26
CA SER B 127 -7.22 11.29 -6.79
C SER B 127 -6.93 12.72 -6.41
N SER B 128 -7.35 13.10 -5.21
CA SER B 128 -7.08 14.45 -4.73
C SER B 128 -5.58 14.69 -4.57
N SER B 129 -4.88 13.70 -4.02
CA SER B 129 -3.44 13.84 -3.79
CA SER B 129 -3.44 13.85 -3.78
C SER B 129 -2.69 14.02 -5.10
N LEU B 130 -3.03 13.22 -6.10
CA LEU B 130 -2.34 13.31 -7.38
C LEU B 130 -2.67 14.62 -8.09
N ALA B 131 -3.92 15.09 -7.98
CA ALA B 131 -4.31 16.35 -8.58
C ALA B 131 -3.51 17.51 -7.96
N LYS B 132 -3.39 17.49 -6.64
CA LYS B 132 -2.66 18.54 -5.93
C LYS B 132 -1.19 18.52 -6.28
N GLU B 133 -0.61 17.31 -6.33
CA GLU B 133 0.79 17.14 -6.68
C GLU B 133 1.07 17.72 -8.06
N VAL B 134 0.26 17.33 -9.03
CA VAL B 134 0.42 17.78 -10.40
C VAL B 134 0.27 19.30 -10.51
N ALA B 135 -0.75 19.85 -9.86
CA ALA B 135 -1.03 21.27 -9.93
C ALA B 135 0.10 22.09 -9.30
N THR B 136 0.72 21.53 -8.26
CA THR B 136 1.81 22.19 -7.55
C THR B 136 3.00 22.46 -8.47
N TYR B 137 3.25 21.53 -9.39
CA TYR B 137 4.36 21.67 -10.32
C TYR B 137 3.85 22.19 -11.66
N GLY B 138 2.68 22.81 -11.63
CA GLY B 138 2.17 23.53 -12.78
C GLY B 138 1.33 22.77 -13.78
N GLY B 139 1.06 21.49 -13.52
CA GLY B 139 0.23 20.71 -14.41
C GLY B 139 -1.22 21.17 -14.40
N ASP B 140 -1.92 21.00 -15.52
CA ASP B 140 -3.29 21.46 -15.67
C ASP B 140 -4.29 20.36 -15.30
N VAL B 141 -4.93 20.53 -14.15
CA VAL B 141 -5.91 19.57 -13.66
C VAL B 141 -7.32 20.14 -13.68
N SER B 142 -7.54 21.19 -14.46
CA SER B 142 -8.84 21.86 -14.50
C SER B 142 -9.98 20.97 -14.98
N ALA B 143 -9.69 19.96 -15.81
CA ALA B 143 -10.76 19.09 -16.32
C ALA B 143 -11.12 17.98 -15.34
N LEU B 144 -10.43 17.94 -14.20
CA LEU B 144 -10.64 16.89 -13.21
C LEU B 144 -11.36 17.41 -11.96
N LEU B 145 -11.50 18.72 -11.86
CA LEU B 145 -12.09 19.37 -10.70
C LEU B 145 -13.24 20.29 -11.07
N PRO B 146 -14.21 20.46 -10.16
CA PRO B 146 -15.27 21.44 -10.44
C PRO B 146 -14.68 22.84 -10.54
N ALA B 147 -15.36 23.72 -11.27
CA ALA B 147 -14.84 25.06 -11.55
C ALA B 147 -14.44 25.81 -10.29
N SER B 148 -15.32 25.78 -9.31
CA SER B 148 -15.11 26.51 -8.06
C SER B 148 -13.86 26.03 -7.31
N VAL B 149 -13.59 24.74 -7.40
CA VAL B 149 -12.45 24.16 -6.70
C VAL B 149 -11.13 24.55 -7.36
N HIS B 150 -11.12 24.53 -8.69
CA HIS B 150 -9.88 24.80 -9.42
C HIS B 150 -9.36 26.20 -9.11
N GLN B 151 -10.26 27.17 -9.07
CA GLN B 151 -9.88 28.54 -8.74
C GLN B 151 -9.25 28.63 -7.36
N ARG B 152 -9.90 28.04 -6.37
CA ARG B 152 -9.41 28.08 -4.99
C ARG B 152 -8.11 27.31 -4.83
N LEU B 153 -7.92 26.28 -5.65
CA LEU B 153 -6.67 25.52 -5.64
C LEU B 153 -5.51 26.37 -6.14
N LEU B 154 -5.74 27.11 -7.21
CA LEU B 154 -4.75 28.04 -7.74
C LEU B 154 -4.35 29.06 -6.67
N GLY B 155 -5.34 29.49 -5.88
CA GLY B 155 -5.12 30.43 -4.81
C GLY B 155 -4.23 29.90 -3.72
N LYS B 156 -4.44 28.64 -3.34
CA LYS B 156 -3.62 28.01 -2.27
C LYS B 156 -2.18 27.78 -2.76
N LEU B 157 -1.96 27.54 -4.05
CA LEU B 157 -0.61 27.27 -4.55
C LEU B 157 0.18 28.56 -4.76
N ARG B 158 -0.43 29.69 -4.45
CA ARG B 158 0.22 30.98 -4.56
C ARG B 158 0.32 31.67 -3.20
N MET C 2 13.60 9.15 -35.27
CA MET C 2 13.84 9.90 -34.04
C MET C 2 12.96 9.43 -32.90
N THR C 3 12.94 8.12 -32.65
CA THR C 3 12.17 7.57 -31.54
C THR C 3 12.96 7.68 -30.25
N GLY C 4 12.27 7.72 -29.12
CA GLY C 4 12.94 7.83 -27.85
C GLY C 4 12.01 7.73 -26.65
N ALA C 5 12.56 7.33 -25.51
CA ALA C 5 11.76 7.21 -24.30
C ALA C 5 12.59 7.55 -23.07
N VAL C 6 11.92 8.02 -22.03
CA VAL C 6 12.55 8.26 -20.73
C VAL C 6 12.20 7.12 -19.78
N CYS C 7 13.22 6.59 -19.11
CA CYS C 7 13.01 5.53 -18.15
C CYS C 7 13.30 6.05 -16.75
N PRO C 8 12.23 6.35 -15.99
CA PRO C 8 12.37 7.05 -14.72
C PRO C 8 12.43 6.13 -13.52
N GLY C 9 13.03 6.59 -12.43
CA GLY C 9 13.01 5.83 -11.20
C GLY C 9 13.92 6.45 -10.18
N SER C 10 13.97 5.88 -8.99
CA SER C 10 14.90 6.38 -7.99
C SER C 10 16.22 5.60 -8.06
N PHE C 11 16.14 4.32 -8.40
CA PHE C 11 17.32 3.48 -8.62
C PHE C 11 18.31 3.54 -7.45
N ASP C 12 17.82 3.12 -6.28
CA ASP C 12 18.58 3.26 -5.04
C ASP C 12 18.78 1.92 -4.30
N PRO C 13 19.60 1.02 -4.86
CA PRO C 13 20.36 1.14 -6.11
C PRO C 13 19.66 0.51 -7.31
N VAL C 14 20.17 0.78 -8.50
CA VAL C 14 19.75 0.06 -9.69
C VAL C 14 19.94 -1.45 -9.47
N THR C 15 18.96 -2.24 -9.89
CA THR C 15 19.04 -3.70 -9.81
C THR C 15 19.18 -4.35 -11.17
N LEU C 16 19.39 -5.67 -11.19
CA LEU C 16 19.43 -6.39 -12.45
C LEU C 16 18.06 -6.33 -13.15
N GLY C 17 16.99 -6.18 -12.37
CA GLY C 17 15.66 -6.00 -12.93
C GLY C 17 15.56 -4.72 -13.75
N HIS C 18 16.04 -3.62 -13.16
CA HIS C 18 16.11 -2.34 -13.88
C HIS C 18 16.95 -2.45 -15.14
N LEU C 19 18.14 -3.03 -14.98
CA LEU C 19 19.11 -3.10 -16.06
C LEU C 19 18.56 -3.86 -17.26
N ASP C 20 17.87 -4.96 -17.00
CA ASP C 20 17.20 -5.74 -18.02
C ASP C 20 16.22 -4.88 -18.81
N VAL C 21 15.44 -4.07 -18.09
CA VAL C 21 14.49 -3.18 -18.76
C VAL C 21 15.22 -2.09 -19.56
N PHE C 22 16.31 -1.54 -19.02
CA PHE C 22 17.12 -0.58 -19.78
C PHE C 22 17.56 -1.15 -21.13
N GLU C 23 18.11 -2.37 -21.10
CA GLU C 23 18.61 -3.02 -22.31
C GLU C 23 17.48 -3.24 -23.31
N ARG C 24 16.31 -3.64 -22.78
CA ARG C 24 15.16 -3.93 -23.62
C ARG C 24 14.59 -2.67 -24.24
N ALA C 25 14.60 -1.56 -23.49
CA ALA C 25 14.12 -0.30 -24.05
C ALA C 25 15.10 0.20 -25.10
N ALA C 26 16.39 0.09 -24.81
CA ALA C 26 17.42 0.58 -25.72
C ALA C 26 17.41 -0.19 -27.04
N ALA C 27 16.91 -1.42 -27.00
CA ALA C 27 16.84 -2.25 -28.19
C ALA C 27 15.69 -1.84 -29.12
N GLN C 28 14.73 -1.08 -28.60
CA GLN C 28 13.53 -0.77 -29.37
C GLN C 28 13.32 0.73 -29.65
N PHE C 29 14.06 1.57 -28.94
CA PHE C 29 13.97 3.02 -29.15
C PHE C 29 15.34 3.56 -29.59
N ASP C 30 15.33 4.61 -30.39
CA ASP C 30 16.58 5.19 -30.90
C ASP C 30 17.40 5.81 -29.77
N GLU C 31 16.74 6.47 -28.83
CA GLU C 31 17.45 6.97 -27.65
C GLU C 31 16.67 6.64 -26.38
N VAL C 32 17.40 6.41 -25.29
CA VAL C 32 16.78 6.20 -23.99
C VAL C 32 17.49 7.07 -22.98
N ILE C 33 16.71 7.84 -22.23
CA ILE C 33 17.24 8.59 -21.13
C ILE C 33 16.77 7.99 -19.83
N VAL C 34 17.71 7.54 -19.01
CA VAL C 34 17.36 7.12 -17.66
C VAL C 34 17.34 8.35 -16.78
N ALA C 35 16.21 8.58 -16.13
CA ALA C 35 15.99 9.78 -15.34
C ALA C 35 15.98 9.40 -13.87
N VAL C 36 17.02 9.81 -13.15
CA VAL C 36 17.13 9.49 -11.73
C VAL C 36 16.44 10.60 -10.96
N LEU C 37 15.32 10.26 -10.34
CA LEU C 37 14.46 11.26 -9.73
C LEU C 37 14.88 11.53 -8.29
N ILE C 38 14.79 12.77 -7.86
CA ILE C 38 15.42 13.19 -6.61
C ILE C 38 14.47 14.01 -5.74
N ALA C 43 16.65 11.01 -0.27
CA ALA C 43 16.38 10.57 1.09
C ALA C 43 16.63 9.07 1.26
N GLY C 44 17.62 8.55 0.55
CA GLY C 44 17.85 7.11 0.53
C GLY C 44 19.24 6.66 0.97
N MET C 45 19.78 5.66 0.28
CA MET C 45 21.10 5.13 0.63
C MET C 45 22.21 5.75 -0.19
N PHE C 46 21.99 5.88 -1.50
CA PHE C 46 22.98 6.43 -2.39
C PHE C 46 22.62 7.83 -2.84
N THR C 47 23.62 8.68 -3.04
CA THR C 47 23.37 10.01 -3.57
C THR C 47 23.00 9.90 -5.04
N VAL C 48 22.39 10.96 -5.56
CA VAL C 48 22.03 11.02 -6.98
C VAL C 48 23.21 10.72 -7.87
N ASP C 49 24.36 11.31 -7.53
CA ASP C 49 25.56 11.12 -8.31
C ASP C 49 26.02 9.67 -8.24
N GLU C 50 25.91 9.07 -7.06
CA GLU C 50 26.27 7.67 -6.87
C GLU C 50 25.34 6.79 -7.70
N ARG C 51 24.06 7.12 -7.67
CA ARG C 51 23.08 6.33 -8.43
C ARG C 51 23.35 6.44 -9.92
N ILE C 52 23.61 7.66 -10.38
CA ILE C 52 23.94 7.86 -11.78
C ILE C 52 25.20 7.09 -12.17
N GLU C 53 26.24 7.19 -11.34
CA GLU C 53 27.48 6.47 -11.59
C GLU C 53 27.26 4.96 -11.71
N MET C 54 26.50 4.39 -10.77
CA MET C 54 26.22 2.96 -10.79
C MET C 54 25.49 2.53 -12.05
N ILE C 55 24.56 3.37 -12.51
CA ILE C 55 23.83 3.07 -13.72
C ILE C 55 24.73 3.19 -14.95
N ARG C 56 25.52 4.27 -15.03
CA ARG C 56 26.42 4.45 -16.16
C ARG C 56 27.41 3.28 -16.30
N GLU C 57 27.95 2.81 -15.18
CA GLU C 57 28.88 1.68 -15.20
C GLU C 57 28.24 0.42 -15.78
N SER C 58 26.98 0.18 -15.44
CA SER C 58 26.30 -1.05 -15.85
C SER C 58 25.68 -0.95 -17.23
N THR C 59 25.72 0.23 -17.83
CA THR C 59 25.11 0.44 -19.14
C THR C 59 26.12 0.90 -20.18
N ALA C 60 27.39 0.63 -19.94
CA ALA C 60 28.43 1.09 -20.87
C ALA C 60 28.27 0.46 -22.25
N ASP C 61 27.68 -0.74 -22.29
CA ASP C 61 27.51 -1.47 -23.54
C ASP C 61 26.27 -1.05 -24.34
N LEU C 62 25.53 -0.08 -23.82
CA LEU C 62 24.35 0.43 -24.52
C LEU C 62 24.61 1.85 -25.03
N PRO C 63 25.01 1.99 -26.29
CA PRO C 63 25.46 3.26 -26.88
C PRO C 63 24.40 4.35 -26.90
N ASN C 64 23.14 3.96 -27.07
CA ASN C 64 22.06 4.91 -27.24
C ASN C 64 21.34 5.27 -25.93
N LEU C 65 21.97 4.97 -24.80
CA LEU C 65 21.39 5.27 -23.50
C LEU C 65 22.24 6.29 -22.74
N ARG C 66 21.58 7.28 -22.15
CA ARG C 66 22.28 8.20 -21.27
C ARG C 66 21.52 8.33 -19.95
N VAL C 67 22.17 8.91 -18.96
CA VAL C 67 21.63 9.00 -17.61
C VAL C 67 21.67 10.44 -17.12
N GLU C 68 20.56 10.90 -16.55
CA GLU C 68 20.46 12.26 -16.04
C GLU C 68 19.64 12.29 -14.76
N SER C 69 19.88 13.30 -13.93
CA SER C 69 19.03 13.53 -12.78
C SER C 69 17.85 14.40 -13.20
N GLY C 70 16.78 14.34 -12.42
CA GLY C 70 15.59 15.12 -12.70
C GLY C 70 14.81 15.46 -11.45
N GLN C 71 14.04 16.54 -11.55
CA GLN C 71 13.18 17.05 -10.49
C GLN C 71 11.84 17.45 -11.07
N GLY C 72 10.86 17.65 -10.20
CA GLY C 72 9.57 18.19 -10.62
C GLY C 72 8.77 17.20 -11.44
N LEU C 73 7.85 17.71 -12.25
CA LEU C 73 6.97 16.85 -13.05
C LEU C 73 7.73 16.05 -14.08
N LEU C 74 7.55 14.73 -14.06
CA LEU C 74 8.21 13.87 -15.03
C LEU C 74 7.85 14.27 -16.45
N VAL C 75 6.59 14.66 -16.68
CA VAL C 75 6.18 14.96 -18.04
C VAL C 75 6.91 16.20 -18.56
N ASP C 76 7.27 17.12 -17.67
CA ASP C 76 8.06 18.28 -18.09
C ASP C 76 9.48 17.85 -18.47
N PHE C 77 10.07 16.99 -17.66
CA PHE C 77 11.39 16.42 -17.96
C PHE C 77 11.40 15.80 -19.36
N VAL C 78 10.37 15.02 -19.64
CA VAL C 78 10.26 14.30 -20.94
C VAL C 78 10.09 15.31 -22.08
N ARG C 79 9.21 16.28 -21.91
CA ARG C 79 8.91 17.21 -23.03
C ARG C 79 10.06 18.20 -23.23
N GLU C 80 10.72 18.61 -22.17
CA GLU C 80 11.86 19.56 -22.32
C GLU C 80 12.98 18.90 -23.12
N ARG C 81 12.93 17.59 -23.29
CA ARG C 81 13.95 16.88 -24.07
C ARG C 81 13.43 16.43 -25.43
N GLY C 82 12.27 16.93 -25.82
CA GLY C 82 11.72 16.65 -27.14
C GLY C 82 11.09 15.28 -27.31
N LEU C 83 10.91 14.57 -26.20
CA LEU C 83 10.31 13.24 -26.24
C LEU C 83 8.87 13.30 -25.74
N ASN C 84 8.11 12.23 -25.94
CA ASN C 84 6.79 12.15 -25.32
C ASN C 84 6.42 10.71 -25.01
N ALA C 85 7.42 9.94 -24.59
CA ALA C 85 7.19 8.58 -24.12
C ALA C 85 8.03 8.29 -22.87
N ILE C 86 7.39 7.60 -21.94
CA ILE C 86 8.02 7.04 -20.75
C ILE C 86 8.05 5.50 -20.92
N VAL C 87 9.10 4.85 -20.46
CA VAL C 87 9.15 3.38 -20.49
C VAL C 87 9.56 2.86 -19.11
N LYS C 88 8.89 1.80 -18.66
CA LYS C 88 9.07 1.23 -17.31
C LYS C 88 8.83 -0.26 -17.36
N GLY C 89 9.35 -1.00 -16.39
CA GLY C 89 8.96 -2.39 -16.24
C GLY C 89 7.84 -2.55 -15.22
N LEU C 90 7.14 -3.68 -15.29
CA LEU C 90 6.12 -4.02 -14.31
C LEU C 90 6.35 -5.43 -13.79
N ARG C 91 6.29 -5.60 -12.48
CA ARG C 91 6.46 -6.92 -11.88
C ARG C 91 5.13 -7.53 -11.51
N THR C 92 4.28 -6.75 -10.86
CA THR C 92 3.12 -7.28 -10.18
C THR C 92 1.85 -6.58 -10.60
N GLY C 93 0.73 -7.15 -10.18
CA GLY C 93 -0.56 -6.50 -10.34
C GLY C 93 -0.63 -5.13 -9.67
N THR C 94 0.04 -4.98 -8.53
CA THR C 94 0.07 -3.70 -7.84
C THR C 94 0.86 -2.68 -8.65
N ASP C 95 1.99 -3.12 -9.21
CA ASP C 95 2.75 -2.26 -10.13
C ASP C 95 1.82 -1.76 -11.24
N PHE C 96 1.07 -2.70 -11.82
CA PHE C 96 0.23 -2.35 -12.96
C PHE C 96 -0.85 -1.33 -12.58
N GLU C 97 -1.49 -1.56 -11.45
CA GLU C 97 -2.58 -0.70 -11.05
C GLU C 97 -2.07 0.70 -10.76
N TYR C 98 -0.96 0.77 -10.03
CA TYR C 98 -0.39 2.05 -9.64
C TYR C 98 0.13 2.80 -10.86
N GLU C 99 0.85 2.11 -11.73
CA GLU C 99 1.44 2.76 -12.88
C GLU C 99 0.40 3.12 -13.94
N LEU C 100 -0.70 2.37 -14.01
CA LEU C 100 -1.75 2.73 -14.96
C LEU C 100 -2.33 4.08 -14.58
N GLN C 101 -2.53 4.29 -13.28
CA GLN C 101 -3.07 5.57 -12.80
C GLN C 101 -2.15 6.72 -13.21
N MET C 102 -0.86 6.55 -12.94
CA MET C 102 0.13 7.57 -13.28
C MET C 102 0.18 7.82 -14.78
N ALA C 103 0.11 6.74 -15.55
CA ALA C 103 0.22 6.84 -17.01
C ALA C 103 -0.97 7.63 -17.57
N GLN C 104 -2.16 7.35 -17.07
CA GLN C 104 -3.34 8.05 -17.55
C GLN C 104 -3.32 9.53 -17.14
N MET C 105 -2.86 9.82 -15.93
CA MET C 105 -2.73 11.21 -15.51
C MET C 105 -1.70 11.92 -16.38
N ASN C 106 -0.57 11.27 -16.63
CA ASN C 106 0.49 11.90 -17.41
C ASN C 106 0.06 12.17 -18.85
N LYS C 107 -0.72 11.26 -19.42
CA LYS C 107 -1.20 11.45 -20.79
C LYS C 107 -2.27 12.55 -20.82
N HIS C 108 -3.06 12.62 -19.76
CA HIS C 108 -4.11 13.64 -19.68
C HIS C 108 -3.53 15.05 -19.60
N ILE C 109 -2.53 15.25 -18.74
CA ILE C 109 -2.03 16.60 -18.52
C ILE C 109 -1.03 17.09 -19.56
N ALA C 110 -0.40 16.18 -20.31
CA ALA C 110 0.74 16.59 -21.13
C ALA C 110 0.90 15.83 -22.44
N GLY C 111 0.04 14.84 -22.67
CA GLY C 111 0.08 14.07 -23.91
C GLY C 111 1.23 13.10 -23.98
N VAL C 112 1.93 12.91 -22.86
CA VAL C 112 3.06 11.99 -22.80
C VAL C 112 2.55 10.57 -22.58
N ASP C 113 3.01 9.64 -23.40
CA ASP C 113 2.52 8.26 -23.31
C ASP C 113 3.50 7.42 -22.46
N THR C 114 3.03 6.25 -22.02
CA THR C 114 3.86 5.35 -21.22
C THR C 114 3.79 3.93 -21.80
N PHE C 115 4.97 3.33 -21.98
CA PHE C 115 5.10 1.96 -22.44
C PHE C 115 5.64 1.09 -21.32
N PHE C 116 4.99 -0.05 -21.07
CA PHE C 116 5.42 -0.97 -20.02
C PHE C 116 5.97 -2.26 -20.59
N VAL C 117 6.96 -2.83 -19.92
CA VAL C 117 7.36 -4.20 -20.25
C VAL C 117 7.23 -5.07 -19.00
N ALA C 118 7.00 -6.37 -19.21
CA ALA C 118 6.93 -7.32 -18.11
C ALA C 118 8.31 -7.64 -17.59
N THR C 119 8.43 -7.71 -16.27
CA THR C 119 9.68 -8.10 -15.62
C THR C 119 10.25 -9.40 -16.21
N ALA C 120 11.57 -9.53 -16.20
CA ALA C 120 12.16 -10.84 -16.38
C ALA C 120 11.67 -11.70 -15.21
N PRO C 121 11.26 -12.95 -15.50
CA PRO C 121 10.76 -13.83 -14.46
C PRO C 121 11.74 -13.99 -13.29
N ALA C 122 13.04 -14.06 -13.58
CA ALA C 122 14.03 -14.30 -12.54
C ALA C 122 14.10 -13.17 -11.50
N TYR C 123 13.61 -11.98 -11.87
CA TYR C 123 13.77 -10.82 -11.01
C TYR C 123 12.45 -10.27 -10.48
N SER C 124 11.39 -11.06 -10.61
CA SER C 124 10.06 -10.52 -10.34
C SER C 124 9.87 -10.10 -8.88
N PHE C 125 10.62 -10.72 -7.95
CA PHE C 125 10.51 -10.43 -6.52
C PHE C 125 11.49 -9.38 -6.04
N VAL C 126 12.31 -8.86 -6.96
CA VAL C 126 13.37 -7.91 -6.59
C VAL C 126 12.83 -6.49 -6.42
N SER C 127 13.14 -5.87 -5.28
CA SER C 127 13.04 -4.41 -5.14
C SER C 127 14.33 -3.89 -4.50
N SER C 128 14.60 -2.61 -4.71
CA SER C 128 15.81 -1.98 -4.15
C SER C 128 15.71 -1.98 -2.63
N SER C 129 14.55 -1.58 -2.10
CA SER C 129 14.28 -1.68 -0.64
CA SER C 129 14.29 -1.68 -0.65
C SER C 129 14.29 -3.10 0.18
N LEU C 130 13.89 -4.14 -0.55
CA LEU C 130 14.07 -5.50 -0.02
C LEU C 130 15.54 -5.90 -0.14
N ALA C 131 16.19 -5.56 -1.24
CA ALA C 131 17.60 -5.94 -1.40
C ALA C 131 18.48 -5.29 -0.31
N LYS C 132 18.27 -3.99 -0.09
CA LYS C 132 19.01 -3.26 0.95
C LYS C 132 18.71 -3.84 2.32
N GLU C 133 17.43 -4.13 2.57
CA GLU C 133 17.00 -4.69 3.86
C GLU C 133 17.67 -6.02 4.16
N VAL C 134 17.60 -6.96 3.22
CA VAL C 134 18.19 -8.27 3.40
C VAL C 134 19.71 -8.16 3.57
N ALA C 135 20.35 -7.34 2.73
CA ALA C 135 21.80 -7.15 2.78
C ALA C 135 22.24 -6.60 4.14
N THR C 136 21.43 -5.71 4.69
CA THR C 136 21.72 -5.11 5.99
C THR C 136 21.89 -6.19 7.06
N TYR C 137 21.02 -7.20 7.02
CA TYR C 137 21.07 -8.27 8.00
C TYR C 137 21.94 -9.44 7.57
N GLY C 138 22.72 -9.23 6.52
CA GLY C 138 23.70 -10.21 6.11
C GLY C 138 23.28 -11.24 5.08
N GLY C 139 22.12 -11.05 4.46
CA GLY C 139 21.68 -11.93 3.40
C GLY C 139 22.40 -11.65 2.09
N ASP C 140 22.58 -12.70 1.27
CA ASP C 140 23.34 -12.61 0.03
C ASP C 140 22.45 -12.18 -1.13
N VAL C 141 22.62 -10.93 -1.56
CA VAL C 141 21.82 -10.37 -2.68
C VAL C 141 22.66 -10.17 -3.94
N SER C 142 23.82 -10.80 -3.98
CA SER C 142 24.78 -10.59 -5.07
C SER C 142 24.24 -11.03 -6.44
N ALA C 143 23.29 -11.95 -6.44
CA ALA C 143 22.71 -12.45 -7.70
C ALA C 143 21.58 -11.55 -8.24
N LEU C 144 21.28 -10.48 -7.51
CA LEU C 144 20.15 -9.61 -7.85
C LEU C 144 20.60 -8.23 -8.29
N LEU C 145 21.90 -7.96 -8.16
CA LEU C 145 22.48 -6.65 -8.40
C LEU C 145 23.69 -6.75 -9.32
N PRO C 146 23.93 -5.69 -10.12
CA PRO C 146 25.13 -5.65 -10.95
C PRO C 146 26.36 -5.76 -10.06
N ALA C 147 27.41 -6.41 -10.55
CA ALA C 147 28.58 -6.72 -9.71
C ALA C 147 29.16 -5.46 -9.07
N SER C 148 29.14 -4.37 -9.84
CA SER C 148 29.64 -3.10 -9.34
C SER C 148 28.82 -2.60 -8.17
N VAL C 149 27.51 -2.49 -8.39
CA VAL C 149 26.56 -2.04 -7.38
C VAL C 149 26.71 -2.80 -6.06
N HIS C 150 26.84 -4.12 -6.17
CA HIS C 150 26.95 -4.99 -5.00
C HIS C 150 28.11 -4.58 -4.11
N GLN C 151 29.27 -4.37 -4.73
CA GLN C 151 30.44 -3.90 -3.99
C GLN C 151 30.20 -2.56 -3.35
N ARG C 152 29.54 -1.66 -4.07
CA ARG C 152 29.23 -0.34 -3.53
C ARG C 152 28.28 -0.46 -2.33
N LEU C 153 27.37 -1.42 -2.40
CA LEU C 153 26.42 -1.65 -1.31
C LEU C 153 27.14 -2.12 -0.05
N LEU C 154 27.99 -3.12 -0.22
CA LEU C 154 28.78 -3.67 0.90
C LEU C 154 29.55 -2.52 1.54
N GLY C 155 30.10 -1.64 0.72
CA GLY C 155 30.85 -0.51 1.28
C GLY C 155 29.97 0.38 2.12
N LYS C 156 28.77 0.66 1.65
CA LYS C 156 27.86 1.56 2.37
C LYS C 156 27.53 0.97 3.74
N LEU C 157 27.30 -0.34 3.82
CA LEU C 157 26.85 -0.96 5.10
C LEU C 157 27.97 -1.00 6.14
N ARG C 158 29.21 -1.10 5.69
CA ARG C 158 30.37 -1.18 6.55
C ARG C 158 30.78 0.19 7.08
N GLY C 159 30.55 1.22 6.27
CA GLY C 159 30.89 2.58 6.64
C GLY C 159 29.78 3.28 7.39
#